data_6A6Q
#
_entry.id   6A6Q
#
_cell.length_a   41.212
_cell.length_b   99.621
_cell.length_c   48.322
_cell.angle_alpha   90.000
_cell.angle_beta   113.860
_cell.angle_gamma   90.000
#
_symmetry.space_group_name_H-M   'P 1 21 1'
#
loop_
_entity.id
_entity.type
_entity.pdbx_description
1 polymer 'Ligninase H8'
2 non-polymer 'HEME B/C'
3 non-polymer 'CALCIUM ION'
4 non-polymer GLYCEROL
5 water water
#
_entity_poly.entity_id   1
_entity_poly.type   'polypeptide(L)'
_entity_poly.pdbx_seq_one_letter_code
;AAVIEKRATCSNGKTVGDASCCAWFDVLDDIQQNLFHGGQCGAEAHESIRLVFHDSIAISPRMEAQGKFGGGGADGSIMI
FDDIETAFHPNIGLDEIVKLQKPFVQKHGVTPGDFIAFAGRVALSNCPGAPQMNFFTGRAPATQPAPDGLVPEPFHTVDQ
IIERVNDAGEFDELELV(HTR)MLSAHSVAAVNDVDPTVQGLPFDSTPGIFDSQFFVETQLRGTAFPGSGGNQGEVESPL
PGEIRIQSDETIARDSRTACEWQSFVNNQSKLVDDFQFIFLALTQLGQDPNAMTDCSDVIPQSKPIPGNLPFSFFPAGKT
IKDVEQACAETPFPTLTTLPGPETSVQRIPPPPGA
;
_entity_poly.pdbx_strand_id   A
#
# COMPACT_ATOMS: atom_id res chain seq x y z
N LYS A 6 34.53 -2.64 -6.80
CA LYS A 6 33.66 -2.65 -5.62
C LYS A 6 32.56 -1.59 -5.70
N ARG A 7 32.66 -0.49 -4.96
CA ARG A 7 31.50 0.38 -4.66
C ARG A 7 31.93 1.84 -4.82
N ALA A 8 30.94 2.71 -5.02
CA ALA A 8 31.13 4.15 -5.10
C ALA A 8 30.96 4.78 -3.72
N THR A 9 31.66 5.88 -3.47
CA THR A 9 31.60 6.59 -2.22
C THR A 9 30.99 7.96 -2.47
N CYS A 10 29.86 8.20 -1.81
CA CYS A 10 29.10 9.48 -1.93
C CYS A 10 29.78 10.60 -1.12
N SER A 11 29.42 11.85 -1.41
CA SER A 11 30.12 12.98 -0.78
C SER A 11 29.90 12.95 0.75
N ASN A 12 28.74 12.41 1.18
CA ASN A 12 28.42 12.24 2.61
C ASN A 12 29.11 11.02 3.24
N GLY A 13 29.94 10.32 2.46
CA GLY A 13 30.80 9.26 2.97
C GLY A 13 30.12 7.91 3.06
N LYS A 14 28.85 7.83 2.66
CA LYS A 14 28.21 6.50 2.48
C LYS A 14 28.69 5.86 1.16
N THR A 15 28.64 4.54 1.09
CA THR A 15 29.00 3.79 -0.12
C THR A 15 27.75 3.10 -0.72
N VAL A 16 27.73 3.04 -2.04
CA VAL A 16 26.63 2.50 -2.79
C VAL A 16 27.15 1.63 -3.92
N GLY A 17 26.28 0.76 -4.40
CA GLY A 17 26.56 -0.15 -5.50
C GLY A 17 26.72 0.59 -6.81
N ASP A 18 25.92 1.66 -7.00
CA ASP A 18 25.95 2.46 -8.24
C ASP A 18 26.02 3.94 -7.89
N ALA A 19 26.98 4.65 -8.50
CA ALA A 19 27.25 6.02 -8.23
C ALA A 19 26.00 6.92 -8.42
N SER A 20 25.13 6.55 -9.35
CA SER A 20 23.91 7.36 -9.63
C SER A 20 22.98 7.41 -8.41
N CYS A 21 23.18 6.52 -7.44
CA CYS A 21 22.28 6.39 -6.28
C CYS A 21 22.58 7.51 -5.28
N CYS A 22 23.79 8.10 -5.34
CA CYS A 22 24.25 9.01 -4.29
C CYS A 22 23.30 10.20 -4.09
N ALA A 23 22.74 10.74 -5.19
CA ALA A 23 21.84 11.90 -5.10
C ALA A 23 20.62 11.65 -4.20
N TRP A 24 20.24 10.37 -4.09
CA TRP A 24 19.01 10.01 -3.36
C TRP A 24 19.20 10.11 -1.84
N PHE A 25 20.44 10.20 -1.33
CA PHE A 25 20.61 10.42 0.11
C PHE A 25 20.09 11.78 0.53
N ASP A 26 20.31 12.79 -0.30
CA ASP A 26 19.84 14.14 -0.04
C ASP A 26 18.30 14.20 -0.13
N VAL A 27 17.73 13.46 -1.08
CA VAL A 27 16.27 13.32 -1.16
C VAL A 27 15.74 12.65 0.14
N LEU A 28 16.38 11.56 0.55
CA LEU A 28 15.98 10.84 1.73
C LEU A 28 15.91 11.79 2.94
N ASP A 29 17.02 12.53 3.18
CA ASP A 29 17.08 13.39 4.38
C ASP A 29 15.96 14.43 4.34
N ASP A 30 15.74 14.99 3.16
CA ASP A 30 14.78 16.02 2.91
C ASP A 30 13.34 15.53 3.15
N ILE A 31 12.97 14.35 2.61
CA ILE A 31 11.63 13.86 2.81
C ILE A 31 11.43 13.34 4.22
N GLN A 32 12.44 12.71 4.80
CA GLN A 32 12.21 12.15 6.15
C GLN A 32 11.89 13.30 7.11
N GLN A 33 12.51 14.45 6.87
CA GLN A 33 12.30 15.60 7.78
C GLN A 33 11.09 16.44 7.36
N ASN A 34 10.93 16.69 6.06
CA ASN A 34 9.92 17.66 5.58
C ASN A 34 8.66 17.05 4.97
N LEU A 35 8.62 15.74 4.77
CA LEU A 35 7.39 15.10 4.27
C LEU A 35 6.85 14.14 5.33
N PHE A 36 7.73 13.37 5.97
CA PHE A 36 7.33 12.35 6.92
C PHE A 36 7.53 12.76 8.42
N HIS A 37 7.71 14.05 8.69
CA HIS A 37 7.65 14.56 10.05
C HIS A 37 8.65 13.86 10.97
N GLY A 38 9.87 13.62 10.50
CA GLY A 38 10.91 12.93 11.26
C GLY A 38 10.84 11.41 11.10
N GLY A 39 10.58 10.92 9.89
CA GLY A 39 10.59 9.47 9.68
C GLY A 39 9.42 8.71 10.29
N GLN A 40 8.22 9.31 10.31
CA GLN A 40 7.06 8.68 10.87
C GLN A 40 6.32 7.82 9.81
N CYS A 41 5.65 6.76 10.29
N CYS A 41 5.56 6.82 10.26
CA CYS A 41 4.63 5.92 9.56
CA CYS A 41 4.68 6.06 9.35
C CYS A 41 3.24 6.52 9.82
C CYS A 41 3.26 6.50 9.69
N GLY A 42 3.06 7.76 9.38
CA GLY A 42 1.82 8.50 9.58
C GLY A 42 1.11 8.78 8.29
N ALA A 43 0.27 9.85 8.25
CA ALA A 43 -0.64 10.06 7.12
C ALA A 43 0.15 10.21 5.78
N GLU A 44 1.18 11.05 5.73
CA GLU A 44 1.93 11.30 4.50
C GLU A 44 2.60 10.01 4.02
N ALA A 45 3.13 9.23 4.96
CA ALA A 45 3.70 7.92 4.58
C ALA A 45 2.64 7.02 3.92
N HIS A 46 1.46 6.90 4.57
CA HIS A 46 0.40 6.05 4.06
C HIS A 46 -0.03 6.50 2.67
N GLU A 47 -0.21 7.82 2.50
CA GLU A 47 -0.60 8.37 1.21
C GLU A 47 0.44 8.08 0.10
N SER A 48 1.74 8.12 0.45
CA SER A 48 2.81 7.86 -0.46
C SER A 48 2.82 6.40 -0.94
N ILE A 49 2.46 5.51 -0.03
CA ILE A 49 2.36 4.07 -0.39
C ILE A 49 1.19 3.88 -1.37
N ARG A 50 0.03 4.50 -1.06
CA ARG A 50 -1.11 4.43 -1.91
C ARG A 50 -0.77 4.98 -3.31
N LEU A 51 -0.07 6.11 -3.34
CA LEU A 51 0.26 6.76 -4.59
C LEU A 51 1.04 5.80 -5.53
N VAL A 52 1.94 4.97 -4.98
CA VAL A 52 2.67 4.02 -5.81
C VAL A 52 1.69 3.14 -6.63
N PHE A 53 0.65 2.61 -5.97
CA PHE A 53 -0.28 1.74 -6.65
C PHE A 53 -1.06 2.50 -7.72
N HIS A 54 -1.50 3.73 -7.41
CA HIS A 54 -2.33 4.45 -8.35
C HIS A 54 -1.52 4.99 -9.54
N ASP A 55 -0.23 5.26 -9.34
CA ASP A 55 0.67 5.57 -10.49
C ASP A 55 0.83 4.31 -11.36
N SER A 56 1.16 3.20 -10.70
CA SER A 56 1.73 2.05 -11.36
C SER A 56 0.69 1.15 -12.05
N ILE A 57 -0.48 0.91 -11.45
CA ILE A 57 -1.42 -0.09 -11.94
C ILE A 57 -2.12 0.42 -13.20
N ALA A 58 -1.97 1.71 -13.51
CA ALA A 58 -2.66 2.34 -14.69
C ALA A 58 -1.84 2.06 -15.96
N ILE A 59 -1.92 0.79 -16.37
CA ILE A 59 -1.29 0.27 -17.55
C ILE A 59 -2.22 -0.88 -18.02
N SER A 60 -2.33 -1.09 -19.34
CA SER A 60 -3.22 -2.12 -19.85
C SER A 60 -2.69 -2.66 -21.18
N PRO A 61 -1.95 -3.78 -21.14
CA PRO A 61 -1.57 -4.50 -22.36
C PRO A 61 -2.76 -4.93 -23.24
N ARG A 62 -3.91 -5.21 -22.63
N ARG A 62 -3.92 -5.19 -22.62
CA ARG A 62 -5.10 -5.58 -23.42
CA ARG A 62 -5.16 -5.57 -23.33
C ARG A 62 -5.55 -4.38 -24.26
C ARG A 62 -5.65 -4.40 -24.20
N MET A 63 -5.57 -3.16 -23.70
CA MET A 63 -5.93 -2.00 -24.49
C MET A 63 -4.89 -1.79 -25.62
N GLU A 64 -3.58 -1.93 -25.32
CA GLU A 64 -2.55 -1.69 -26.32
C GLU A 64 -2.69 -2.65 -27.50
N ALA A 65 -3.05 -3.90 -27.21
CA ALA A 65 -3.20 -4.94 -28.21
C ALA A 65 -4.32 -4.56 -29.20
N GLN A 66 -5.26 -3.74 -28.73
CA GLN A 66 -6.41 -3.33 -29.54
C GLN A 66 -6.18 -1.94 -30.18
N GLY A 67 -5.00 -1.36 -29.97
CA GLY A 67 -4.64 -0.11 -30.58
C GLY A 67 -4.98 1.10 -29.74
N LYS A 68 -5.18 0.93 -28.44
CA LYS A 68 -5.62 2.05 -27.56
C LYS A 68 -4.52 2.29 -26.50
N PHE A 69 -4.14 3.53 -26.25
CA PHE A 69 -3.18 3.84 -25.17
C PHE A 69 -3.74 3.34 -23.83
N GLY A 70 -2.97 2.49 -23.13
CA GLY A 70 -3.45 1.89 -21.92
C GLY A 70 -2.77 2.44 -20.68
N GLY A 71 -1.98 3.49 -20.85
CA GLY A 71 -1.19 4.06 -19.78
C GLY A 71 0.20 3.46 -19.68
N GLY A 72 1.11 4.23 -19.08
CA GLY A 72 2.51 3.88 -19.03
C GLY A 72 2.96 3.27 -17.72
N GLY A 73 2.04 2.95 -16.81
CA GLY A 73 2.44 2.29 -15.56
C GLY A 73 3.20 3.24 -14.66
N ALA A 74 4.31 2.77 -14.10
CA ALA A 74 5.05 3.56 -13.11
C ALA A 74 5.93 4.58 -13.82
N ASP A 75 5.34 5.71 -14.15
CA ASP A 75 5.89 6.66 -15.08
C ASP A 75 5.72 8.07 -14.53
N GLY A 76 5.14 8.21 -13.33
CA GLY A 76 4.93 9.56 -12.74
C GLY A 76 3.75 10.31 -13.35
N SER A 77 2.92 9.62 -14.13
CA SER A 77 1.77 10.30 -14.84
C SER A 77 0.83 10.95 -13.84
N ILE A 78 0.62 10.29 -12.70
CA ILE A 78 -0.34 10.75 -11.75
C ILE A 78 0.08 12.13 -11.16
N MET A 79 1.37 12.43 -11.14
CA MET A 79 1.89 13.70 -10.72
C MET A 79 1.93 14.70 -11.89
N ILE A 80 2.55 14.30 -12.98
CA ILE A 80 2.75 15.16 -14.16
C ILE A 80 1.40 15.65 -14.65
N PHE A 81 0.43 14.73 -14.71
CA PHE A 81 -0.95 15.02 -15.16
C PHE A 81 -1.92 14.94 -13.97
N ASP A 82 -1.58 15.57 -12.83
CA ASP A 82 -2.37 15.41 -11.66
C ASP A 82 -3.76 16.03 -11.86
N ASP A 83 -3.86 17.12 -12.62
CA ASP A 83 -5.19 17.73 -12.81
C ASP A 83 -6.15 16.75 -13.48
N ILE A 84 -5.67 15.89 -14.36
CA ILE A 84 -6.48 14.90 -15.00
C ILE A 84 -6.68 13.70 -14.08
N GLU A 85 -5.57 13.05 -13.73
CA GLU A 85 -5.70 11.74 -13.08
C GLU A 85 -6.29 11.83 -11.67
N THR A 86 -6.02 12.91 -10.90
CA THR A 86 -6.48 12.89 -9.54
C THR A 86 -7.96 13.24 -9.48
N ALA A 87 -8.57 13.58 -10.63
CA ALA A 87 -10.01 13.78 -10.66
C ALA A 87 -10.75 12.48 -11.02
N PHE A 88 -10.05 11.41 -11.39
CA PHE A 88 -10.69 10.11 -11.52
C PHE A 88 -11.16 9.65 -10.14
N HIS A 89 -12.35 9.05 -10.07
CA HIS A 89 -12.94 8.71 -8.80
C HIS A 89 -12.06 7.73 -8.01
N PRO A 90 -11.41 6.70 -8.62
CA PRO A 90 -10.52 5.85 -7.83
C PRO A 90 -9.35 6.55 -7.17
N ASN A 91 -8.95 7.72 -7.70
CA ASN A 91 -7.82 8.48 -7.26
C ASN A 91 -8.22 9.63 -6.30
N ILE A 92 -9.44 9.54 -5.79
CA ILE A 92 -10.00 10.53 -4.86
C ILE A 92 -9.01 10.75 -3.72
N GLY A 93 -8.75 12.02 -3.42
CA GLY A 93 -7.94 12.40 -2.32
C GLY A 93 -6.45 12.42 -2.59
N LEU A 94 -5.99 11.90 -3.74
CA LEU A 94 -4.53 11.82 -3.99
C LEU A 94 -3.94 13.16 -4.45
N ASP A 95 -4.77 14.17 -4.72
CA ASP A 95 -4.09 15.43 -5.12
C ASP A 95 -3.34 16.04 -3.94
N GLU A 96 -3.76 15.76 -2.71
CA GLU A 96 -3.03 16.35 -1.56
C GLU A 96 -1.60 15.81 -1.53
N ILE A 97 -1.43 14.49 -1.55
CA ILE A 97 -0.04 13.95 -1.49
C ILE A 97 0.73 14.35 -2.77
N VAL A 98 0.09 14.38 -3.93
CA VAL A 98 0.81 14.78 -5.15
C VAL A 98 1.35 16.20 -4.95
N LYS A 99 0.52 17.09 -4.43
CA LYS A 99 0.95 18.46 -4.18
C LYS A 99 2.07 18.57 -3.14
N LEU A 100 2.08 17.74 -2.09
CA LEU A 100 3.15 17.74 -1.12
C LEU A 100 4.47 17.21 -1.71
N GLN A 101 4.37 16.26 -2.67
CA GLN A 101 5.52 15.63 -3.26
C GLN A 101 6.17 16.51 -4.34
N LYS A 102 5.38 17.29 -5.09
CA LYS A 102 5.88 17.99 -6.26
C LYS A 102 7.12 18.85 -5.97
N PRO A 103 7.14 19.64 -4.86
CA PRO A 103 8.28 20.53 -4.58
C PRO A 103 9.59 19.75 -4.47
N PHE A 104 9.56 18.53 -3.91
CA PHE A 104 10.77 17.76 -3.77
C PHE A 104 11.31 17.31 -5.12
N VAL A 105 10.41 16.97 -6.06
CA VAL A 105 10.78 16.50 -7.37
C VAL A 105 11.49 17.64 -8.10
N GLN A 106 10.89 18.82 -7.99
CA GLN A 106 11.44 20.06 -8.64
C GLN A 106 12.83 20.40 -8.06
N LYS A 107 12.94 20.37 -6.74
CA LYS A 107 14.16 20.76 -6.02
C LYS A 107 15.31 19.80 -6.36
N HIS A 108 15.06 18.48 -6.39
CA HIS A 108 16.14 17.52 -6.54
C HIS A 108 16.40 17.12 -7.98
N GLY A 109 15.53 17.50 -8.92
CA GLY A 109 15.68 17.23 -10.36
C GLY A 109 15.62 15.76 -10.69
N VAL A 110 14.76 15.03 -9.97
CA VAL A 110 14.59 13.58 -10.23
C VAL A 110 13.31 13.39 -11.05
N THR A 111 13.09 12.18 -11.61
CA THR A 111 11.86 11.99 -12.40
C THR A 111 10.69 11.80 -11.45
N PRO A 112 9.48 12.26 -11.82
CA PRO A 112 8.34 12.09 -10.94
C PRO A 112 8.10 10.61 -10.62
N GLY A 113 8.25 9.74 -11.63
CA GLY A 113 8.02 8.29 -11.40
C GLY A 113 9.00 7.70 -10.40
N ASP A 114 10.28 8.06 -10.53
CA ASP A 114 11.32 7.58 -9.55
C ASP A 114 11.01 8.12 -8.15
N PHE A 115 10.61 9.41 -8.03
CA PHE A 115 10.35 9.92 -6.76
C PHE A 115 9.16 9.21 -6.06
N ILE A 116 8.12 8.94 -6.84
CA ILE A 116 6.94 8.23 -6.28
C ILE A 116 7.35 6.87 -5.73
N ALA A 117 8.15 6.12 -6.51
CA ALA A 117 8.59 4.82 -6.05
C ALA A 117 9.50 4.97 -4.81
N PHE A 118 10.34 5.99 -4.78
CA PHE A 118 11.26 6.26 -3.68
C PHE A 118 10.48 6.58 -2.40
N ALA A 119 9.53 7.52 -2.49
CA ALA A 119 8.77 7.94 -1.34
C ALA A 119 7.95 6.78 -0.75
N GLY A 120 7.38 5.91 -1.60
CA GLY A 120 6.68 4.73 -1.11
C GLY A 120 7.58 3.80 -0.32
N ARG A 121 8.78 3.56 -0.85
CA ARG A 121 9.76 2.65 -0.20
C ARG A 121 10.23 3.23 1.16
N VAL A 122 10.54 4.52 1.18
CA VAL A 122 10.99 5.18 2.38
C VAL A 122 9.84 5.23 3.42
N ALA A 123 8.63 5.51 2.96
CA ALA A 123 7.42 5.47 3.83
C ALA A 123 7.28 4.13 4.52
N LEU A 124 7.39 3.04 3.75
CA LEU A 124 7.25 1.71 4.32
C LEU A 124 8.39 1.45 5.31
N SER A 125 9.58 1.93 5.00
CA SER A 125 10.76 1.75 5.93
C SER A 125 10.51 2.34 7.32
N ASN A 126 9.60 3.33 7.40
CA ASN A 126 9.24 4.00 8.61
C ASN A 126 8.32 3.14 9.49
N CYS A 127 7.69 2.12 8.90
CA CYS A 127 6.66 1.38 9.60
C CYS A 127 7.31 0.12 10.19
N PRO A 128 7.35 -0.06 11.53
CA PRO A 128 7.90 -1.28 12.10
C PRO A 128 7.25 -2.53 11.51
N GLY A 129 8.05 -3.57 11.24
CA GLY A 129 7.58 -4.78 10.65
C GLY A 129 7.76 -4.82 9.15
N ALA A 130 8.00 -3.66 8.53
CA ALA A 130 8.07 -3.65 7.09
C ALA A 130 9.19 -4.52 6.55
N PRO A 131 9.05 -5.00 5.31
CA PRO A 131 10.18 -5.65 4.66
C PRO A 131 11.29 -4.64 4.38
N GLN A 132 12.47 -5.14 4.03
CA GLN A 132 13.57 -4.26 3.58
C GLN A 132 13.17 -3.85 2.15
N MET A 133 12.76 -2.60 1.96
CA MET A 133 12.16 -2.25 0.65
C MET A 133 13.20 -1.96 -0.44
N ASN A 134 12.88 -2.38 -1.64
CA ASN A 134 13.79 -2.13 -2.78
C ASN A 134 13.49 -0.78 -3.42
N PHE A 135 14.46 -0.29 -4.17
CA PHE A 135 14.30 0.98 -4.90
C PHE A 135 15.16 0.94 -6.15
N PHE A 136 14.50 0.90 -7.29
CA PHE A 136 15.21 0.94 -8.60
C PHE A 136 14.85 2.25 -9.27
N THR A 137 15.77 2.80 -10.05
CA THR A 137 15.57 4.04 -10.80
C THR A 137 15.51 3.72 -12.31
N GLY A 138 14.86 4.60 -13.05
CA GLY A 138 14.82 4.51 -14.53
C GLY A 138 13.41 4.57 -15.09
N ARG A 139 12.69 5.59 -14.68
CA ARG A 139 11.33 5.81 -15.13
C ARG A 139 11.25 7.16 -15.81
N ALA A 140 11.21 7.13 -17.15
CA ALA A 140 11.19 8.39 -17.90
C ALA A 140 9.86 9.08 -17.63
N PRO A 141 9.82 10.42 -17.61
CA PRO A 141 8.55 11.14 -17.45
C PRO A 141 7.48 10.72 -18.48
N ALA A 142 6.29 10.47 -17.96
CA ALA A 142 5.11 10.21 -18.79
C ALA A 142 4.92 11.39 -19.76
N THR A 143 4.48 11.10 -20.98
CA THR A 143 4.06 12.18 -21.89
C THR A 143 2.56 12.12 -22.15
N GLN A 144 1.86 11.08 -21.63
CA GLN A 144 0.42 11.03 -21.74
C GLN A 144 -0.20 10.58 -20.41
N PRO A 145 -1.35 11.17 -20.01
CA PRO A 145 -2.01 10.75 -18.78
C PRO A 145 -2.62 9.35 -18.96
N ALA A 146 -2.77 8.64 -17.84
CA ALA A 146 -3.39 7.36 -17.95
C ALA A 146 -4.86 7.55 -18.30
N PRO A 147 -5.47 6.59 -18.97
CA PRO A 147 -6.92 6.51 -19.04
C PRO A 147 -7.53 6.22 -17.66
N ASP A 148 -8.80 6.57 -17.47
CA ASP A 148 -9.58 6.15 -16.29
C ASP A 148 -10.05 4.70 -16.52
N GLY A 149 -10.68 4.10 -15.50
CA GLY A 149 -11.15 2.77 -15.54
C GLY A 149 -10.05 1.75 -15.27
N LEU A 150 -8.90 2.18 -14.75
CA LEU A 150 -7.74 1.25 -14.59
C LEU A 150 -7.39 0.98 -13.12
N VAL A 151 -7.92 1.80 -12.21
CA VAL A 151 -7.63 1.63 -10.78
C VAL A 151 -8.83 1.00 -10.11
N PRO A 152 -8.66 -0.13 -9.43
CA PRO A 152 -9.77 -0.76 -8.71
C PRO A 152 -10.47 0.16 -7.69
N GLU A 153 -11.78 -0.10 -7.53
CA GLU A 153 -12.69 0.57 -6.61
C GLU A 153 -13.15 -0.43 -5.54
N PRO A 154 -13.50 0.09 -4.36
CA PRO A 154 -13.96 -0.76 -3.26
C PRO A 154 -15.30 -1.45 -3.48
N PHE A 155 -16.07 -0.98 -4.47
CA PHE A 155 -17.37 -1.53 -4.81
C PHE A 155 -17.31 -2.45 -6.03
N HIS A 156 -16.10 -2.69 -6.57
CA HIS A 156 -15.94 -3.58 -7.72
C HIS A 156 -16.08 -5.01 -7.27
N THR A 157 -16.44 -5.87 -8.22
CA THR A 157 -16.48 -7.31 -7.92
C THR A 157 -15.06 -7.86 -7.78
N VAL A 158 -14.93 -8.97 -7.07
CA VAL A 158 -13.66 -9.63 -6.95
C VAL A 158 -13.20 -10.08 -8.36
N ASP A 159 -14.16 -10.49 -9.20
CA ASP A 159 -13.85 -10.94 -10.56
C ASP A 159 -13.17 -9.83 -11.35
N GLN A 160 -13.72 -8.61 -11.30
CA GLN A 160 -13.17 -7.54 -12.12
C GLN A 160 -11.83 -7.04 -11.57
N ILE A 161 -11.64 -7.13 -10.26
CA ILE A 161 -10.32 -6.73 -9.67
C ILE A 161 -9.24 -7.75 -10.07
N ILE A 162 -9.59 -9.03 -10.00
CA ILE A 162 -8.68 -10.07 -10.41
C ILE A 162 -8.28 -9.85 -11.89
N GLU A 163 -9.27 -9.59 -12.76
N GLU A 163 -9.27 -9.58 -12.73
CA GLU A 163 -9.05 -9.37 -14.16
CA GLU A 163 -8.98 -9.37 -14.17
C GLU A 163 -8.13 -8.15 -14.35
C GLU A 163 -8.10 -8.13 -14.35
N ARG A 164 -8.37 -7.08 -13.60
CA ARG A 164 -7.64 -5.84 -13.77
C ARG A 164 -6.15 -6.03 -13.48
N VAL A 165 -5.82 -6.69 -12.37
CA VAL A 165 -4.41 -6.85 -12.00
C VAL A 165 -3.74 -7.90 -12.93
N ASN A 166 -4.53 -8.89 -13.40
CA ASN A 166 -4.00 -9.83 -14.34
C ASN A 166 -3.56 -9.09 -15.62
N ASP A 167 -4.43 -8.21 -16.13
CA ASP A 167 -4.13 -7.38 -17.29
C ASP A 167 -2.89 -6.49 -17.03
N ALA A 168 -2.90 -5.77 -15.92
CA ALA A 168 -1.90 -4.72 -15.71
C ALA A 168 -0.50 -5.29 -15.63
N GLY A 169 -0.32 -6.40 -14.86
CA GLY A 169 0.97 -6.85 -14.52
C GLY A 169 1.14 -8.35 -14.59
N GLU A 170 0.20 -9.08 -15.21
CA GLU A 170 0.16 -10.53 -15.15
C GLU A 170 0.18 -11.02 -13.70
N PHE A 171 -0.46 -10.28 -12.78
CA PHE A 171 -0.57 -10.71 -11.37
C PHE A 171 -1.71 -11.70 -11.24
N ASP A 172 -1.48 -12.80 -10.50
CA ASP A 172 -2.58 -13.77 -10.30
C ASP A 172 -3.36 -13.36 -9.06
N GLU A 173 -4.38 -14.13 -8.74
CA GLU A 173 -5.28 -13.76 -7.65
C GLU A 173 -4.60 -13.90 -6.28
N LEU A 174 -3.55 -14.71 -6.15
CA LEU A 174 -2.83 -14.83 -4.87
C LEU A 174 -2.00 -13.55 -4.69
N GLU A 175 -1.36 -13.06 -5.76
CA GLU A 175 -0.56 -11.81 -5.71
C GLU A 175 -1.46 -10.60 -5.40
N LEU A 176 -2.71 -10.64 -5.84
CA LEU A 176 -3.70 -9.60 -5.42
C LEU A 176 -3.78 -9.53 -3.89
N VAL A 177 -3.83 -10.69 -3.22
CA VAL A 177 -3.90 -10.72 -1.78
C VAL A 177 -2.61 -10.11 -1.21
N MET A 179 -0.60 -7.90 -2.48
CA MET A 179 -0.38 -6.43 -2.54
C MET A 179 -1.35 -5.74 -1.59
N LEU A 180 -2.46 -6.38 -1.22
CA LEU A 180 -3.41 -5.75 -0.24
C LEU A 180 -2.85 -5.73 1.18
N SER A 181 -1.69 -6.36 1.42
CA SER A 181 -1.01 -6.25 2.69
C SER A 181 -0.80 -4.76 3.04
N ALA A 182 -0.65 -3.90 2.02
CA ALA A 182 -0.46 -2.45 2.29
C ALA A 182 -1.59 -1.89 3.15
N HIS A 183 -2.79 -2.51 3.17
CA HIS A 183 -3.84 -2.02 4.01
C HIS A 183 -3.57 -2.21 5.51
N SER A 184 -2.49 -2.91 5.86
CA SER A 184 -2.01 -2.97 7.23
C SER A 184 -1.50 -1.60 7.70
N VAL A 185 -1.19 -0.66 6.79
CA VAL A 185 -0.61 0.62 7.19
C VAL A 185 -1.35 1.70 6.43
N ALA A 186 -2.62 1.88 6.72
CA ALA A 186 -3.51 2.57 5.79
C ALA A 186 -4.77 3.08 6.51
N ALA A 187 -5.24 4.24 6.07
CA ALA A 187 -6.54 4.73 6.57
C ALA A 187 -7.35 5.34 5.41
N VAL A 188 -8.63 5.62 5.70
CA VAL A 188 -9.60 5.98 4.70
C VAL A 188 -10.14 7.38 4.97
N ASN A 189 -9.89 8.26 4.01
CA ASN A 189 -10.22 9.69 4.21
C ASN A 189 -11.49 10.08 3.48
N ASP A 190 -11.88 9.36 2.43
CA ASP A 190 -12.86 9.91 1.47
C ASP A 190 -14.09 8.99 1.31
N VAL A 191 -14.19 7.89 2.06
CA VAL A 191 -15.30 6.93 1.83
C VAL A 191 -16.45 7.36 2.75
N ASP A 192 -16.13 7.67 4.01
CA ASP A 192 -17.11 8.17 4.99
C ASP A 192 -17.03 9.69 4.94
N PRO A 193 -18.06 10.40 4.40
CA PRO A 193 -18.02 11.87 4.33
C PRO A 193 -18.03 12.57 5.70
N THR A 194 -18.30 11.84 6.78
CA THR A 194 -18.40 12.43 8.12
C THR A 194 -17.09 12.31 8.92
N VAL A 195 -16.14 11.49 8.50
CA VAL A 195 -14.94 11.31 9.32
C VAL A 195 -13.78 10.88 8.40
N GLN A 196 -12.61 11.46 8.63
CA GLN A 196 -11.41 11.18 7.84
C GLN A 196 -10.43 10.41 8.71
N GLY A 197 -9.69 9.47 8.10
CA GLY A 197 -8.61 8.80 8.75
C GLY A 197 -9.00 7.53 9.49
N LEU A 198 -10.05 6.80 9.06
CA LEU A 198 -10.44 5.57 9.71
C LEU A 198 -9.52 4.46 9.23
N PRO A 199 -8.75 3.80 10.09
CA PRO A 199 -7.82 2.79 9.60
C PRO A 199 -8.50 1.50 9.18
N PHE A 200 -7.77 0.73 8.36
CA PHE A 200 -8.22 -0.56 7.92
C PHE A 200 -7.93 -1.67 8.93
N ASP A 201 -6.95 -1.45 9.81
CA ASP A 201 -6.66 -2.38 10.89
C ASP A 201 -6.37 -1.58 12.16
N SER A 202 -6.25 -2.31 13.27
CA SER A 202 -6.09 -1.66 14.55
C SER A 202 -4.67 -1.15 14.77
N THR A 203 -3.76 -1.35 13.80
CA THR A 203 -2.33 -1.03 13.92
C THR A 203 -1.84 -0.36 12.65
N PRO A 204 -2.39 0.80 12.27
CA PRO A 204 -2.04 1.45 10.99
C PRO A 204 -0.59 1.96 10.96
N GLY A 205 0.08 1.97 12.12
CA GLY A 205 1.50 2.34 12.20
C GLY A 205 2.44 1.12 12.17
N ILE A 206 1.91 -0.10 12.05
CA ILE A 206 2.69 -1.33 12.17
C ILE A 206 2.36 -2.19 10.97
N PHE A 207 3.39 -2.55 10.21
CA PHE A 207 3.25 -3.50 9.10
C PHE A 207 3.17 -4.91 9.68
N ASP A 208 1.94 -5.38 9.89
CA ASP A 208 1.69 -6.71 10.48
C ASP A 208 0.51 -7.34 9.76
N SER A 209 0.05 -8.48 10.26
CA SER A 209 -1.05 -9.18 9.63
C SER A 209 -2.38 -8.86 10.32
N GLN A 210 -2.50 -7.77 11.09
CA GLN A 210 -3.75 -7.48 11.80
C GLN A 210 -4.85 -7.19 10.77
N PHE A 211 -4.49 -6.60 9.62
CA PHE A 211 -5.45 -6.41 8.55
C PHE A 211 -6.13 -7.75 8.16
N PHE A 212 -5.34 -8.81 8.04
CA PHE A 212 -5.83 -10.15 7.61
C PHE A 212 -6.63 -10.83 8.73
N VAL A 213 -6.30 -10.58 9.99
CA VAL A 213 -7.08 -11.04 11.12
C VAL A 213 -8.44 -10.36 11.16
N GLU A 214 -8.44 -9.03 11.15
CA GLU A 214 -9.55 -8.24 11.49
C GLU A 214 -10.63 -8.23 10.40
N THR A 215 -10.23 -8.30 9.13
CA THR A 215 -11.16 -8.41 8.02
C THR A 215 -11.91 -9.77 8.03
N GLN A 216 -11.40 -10.76 8.76
CA GLN A 216 -12.01 -12.11 8.87
C GLN A 216 -13.11 -12.15 9.95
N LEU A 217 -13.13 -11.16 10.86
CA LEU A 217 -14.11 -11.07 11.95
C LEU A 217 -15.47 -10.72 11.35
N ARG A 218 -16.52 -11.18 12.03
CA ARG A 218 -17.90 -10.73 11.69
C ARG A 218 -18.00 -9.21 11.82
N GLY A 219 -18.51 -8.53 10.78
CA GLY A 219 -18.72 -7.12 10.87
C GLY A 219 -19.93 -6.81 11.76
N THR A 220 -19.84 -5.77 12.58
CA THR A 220 -20.87 -5.59 13.65
C THR A 220 -21.50 -4.19 13.55
N ALA A 221 -20.77 -3.20 13.02
CA ALA A 221 -21.26 -1.82 12.98
C ALA A 221 -20.44 -1.00 11.98
N PHE A 222 -21.01 0.10 11.49
CA PHE A 222 -20.21 1.11 10.83
C PHE A 222 -19.53 1.96 11.87
N PRO A 223 -18.29 2.39 11.60
CA PRO A 223 -17.55 3.23 12.54
C PRO A 223 -18.04 4.68 12.53
N GLY A 224 -18.65 5.14 11.43
CA GLY A 224 -19.21 6.50 11.38
C GLY A 224 -20.63 6.44 10.83
N SER A 225 -20.84 7.02 9.65
CA SER A 225 -22.15 6.93 8.92
C SER A 225 -22.34 5.57 8.20
N GLY A 226 -23.61 5.20 8.00
CA GLY A 226 -23.98 4.09 7.08
C GLY A 226 -24.20 4.61 5.66
N GLY A 227 -24.46 3.69 4.71
CA GLY A 227 -24.94 4.02 3.37
C GLY A 227 -23.88 4.64 2.49
N ASN A 228 -22.60 4.31 2.74
CA ASN A 228 -21.55 4.80 1.89
C ASN A 228 -21.14 3.70 0.88
N GLN A 229 -21.03 4.07 -0.41
CA GLN A 229 -20.74 3.06 -1.42
C GLN A 229 -19.32 2.51 -1.19
N GLY A 230 -19.23 1.17 -1.22
CA GLY A 230 -18.00 0.51 -1.04
C GLY A 230 -17.62 0.20 0.41
N GLU A 231 -18.42 0.73 1.36
CA GLU A 231 -18.22 0.46 2.79
C GLU A 231 -19.17 -0.63 3.30
N VAL A 232 -18.66 -1.55 4.13
CA VAL A 232 -19.44 -2.55 4.79
C VAL A 232 -19.18 -2.39 6.29
N GLU A 233 -19.96 -3.10 7.09
CA GLU A 233 -19.77 -3.02 8.55
C GLU A 233 -18.40 -3.60 8.91
N SER A 234 -17.79 -2.98 9.93
CA SER A 234 -16.50 -3.42 10.46
C SER A 234 -16.69 -4.04 11.83
N PRO A 235 -15.66 -4.73 12.33
CA PRO A 235 -15.76 -5.41 13.62
C PRO A 235 -15.38 -4.58 14.85
N LEU A 236 -14.79 -3.41 14.68
CA LEU A 236 -14.24 -2.64 15.79
C LEU A 236 -14.68 -1.20 15.62
N PRO A 237 -14.97 -0.49 16.73
CA PRO A 237 -15.17 0.95 16.63
C PRO A 237 -13.91 1.60 16.06
N GLY A 238 -14.11 2.58 15.20
CA GLY A 238 -13.06 3.34 14.60
C GLY A 238 -12.38 2.67 13.40
N GLU A 239 -12.61 1.36 13.20
CA GLU A 239 -12.03 0.63 12.04
C GLU A 239 -13.05 0.67 10.90
N ILE A 240 -12.58 0.94 9.68
CA ILE A 240 -13.44 0.83 8.50
C ILE A 240 -13.13 -0.51 7.79
N ARG A 241 -14.14 -0.99 7.07
CA ARG A 241 -14.00 -2.14 6.21
C ARG A 241 -14.65 -1.83 4.85
N ILE A 242 -13.93 -2.17 3.78
CA ILE A 242 -14.47 -1.97 2.43
C ILE A 242 -14.95 -3.31 1.89
N GLN A 243 -15.91 -3.23 0.94
CA GLN A 243 -16.56 -4.38 0.43
C GLN A 243 -15.61 -5.33 -0.28
N SER A 244 -14.72 -4.78 -1.10
CA SER A 244 -13.75 -5.60 -1.87
C SER A 244 -12.90 -6.45 -0.93
N ASP A 245 -12.33 -5.84 0.11
CA ASP A 245 -11.49 -6.57 1.07
C ASP A 245 -12.32 -7.68 1.74
N GLU A 246 -13.52 -7.32 2.16
CA GLU A 246 -14.40 -8.26 2.87
C GLU A 246 -14.67 -9.48 1.99
N THR A 247 -14.89 -9.23 0.69
CA THR A 247 -15.24 -10.29 -0.26
C THR A 247 -14.03 -11.14 -0.58
N ILE A 248 -12.87 -10.48 -0.79
CA ILE A 248 -11.64 -11.20 -1.12
C ILE A 248 -11.25 -12.14 0.04
N ALA A 249 -11.49 -11.70 1.26
CA ALA A 249 -11.17 -12.50 2.45
C ALA A 249 -12.04 -13.76 2.52
N ARG A 250 -13.17 -13.78 1.80
CA ARG A 250 -14.13 -14.91 1.97
C ARG A 250 -14.32 -15.68 0.67
N ASP A 251 -13.72 -15.22 -0.43
CA ASP A 251 -13.94 -15.80 -1.77
C ASP A 251 -13.13 -17.08 -1.86
N SER A 252 -13.72 -18.15 -2.43
CA SER A 252 -12.98 -19.43 -2.48
C SER A 252 -11.65 -19.32 -3.22
N ARG A 253 -11.49 -18.35 -4.15
CA ARG A 253 -10.25 -18.27 -4.87
C ARG A 253 -9.11 -17.71 -4.00
N THR A 254 -9.45 -16.85 -3.03
CA THR A 254 -8.44 -16.01 -2.37
C THR A 254 -8.40 -16.23 -0.85
N ALA A 255 -9.41 -16.89 -0.26
CA ALA A 255 -9.61 -16.95 1.21
C ALA A 255 -8.45 -17.70 1.89
N CYS A 256 -7.96 -18.77 1.24
CA CYS A 256 -6.84 -19.49 1.80
C CYS A 256 -5.56 -18.64 1.83
N GLU A 257 -5.29 -17.85 0.78
CA GLU A 257 -4.12 -17.01 0.75
C GLU A 257 -4.24 -15.91 1.81
N TRP A 258 -5.45 -15.36 1.96
CA TRP A 258 -5.75 -14.27 2.91
C TRP A 258 -5.40 -14.75 4.33
N GLN A 259 -5.90 -15.97 4.68
CA GLN A 259 -5.68 -16.53 6.01
C GLN A 259 -4.21 -16.90 6.24
N SER A 260 -3.49 -17.26 5.16
CA SER A 260 -2.08 -17.73 5.24
C SER A 260 -1.18 -16.69 5.91
N PHE A 261 -1.55 -15.38 5.87
CA PHE A 261 -0.74 -14.35 6.45
C PHE A 261 -0.88 -14.24 7.98
N VAL A 262 -1.96 -14.80 8.53
CA VAL A 262 -2.21 -14.75 9.93
C VAL A 262 -1.16 -15.58 10.66
N ASN A 263 -0.45 -14.90 11.55
CA ASN A 263 0.64 -15.44 12.35
C ASN A 263 1.78 -15.96 11.49
N ASN A 264 2.00 -15.38 10.28
CA ASN A 264 3.11 -15.74 9.40
C ASN A 264 3.85 -14.48 8.91
N GLN A 265 4.71 -13.94 9.77
CA GLN A 265 5.42 -12.71 9.43
C GLN A 265 6.36 -12.91 8.24
N SER A 266 7.12 -14.02 8.19
N SER A 266 7.06 -14.07 8.21
CA SER A 266 8.09 -14.16 7.10
CA SER A 266 7.98 -14.37 7.15
C SER A 266 7.37 -14.20 5.74
C SER A 266 7.31 -14.24 5.78
N LYS A 267 6.22 -14.88 5.64
N LYS A 267 6.16 -14.90 5.62
CA LYS A 267 5.48 -14.94 4.39
CA LYS A 267 5.50 -14.92 4.35
C LYS A 267 4.96 -13.53 4.05
C LYS A 267 4.97 -13.52 4.04
N LEU A 268 4.41 -12.85 5.05
CA LEU A 268 3.91 -11.47 4.84
C LEU A 268 5.00 -10.58 4.23
N VAL A 269 6.20 -10.53 4.85
N VAL A 269 6.18 -10.59 4.85
CA VAL A 269 7.21 -9.56 4.39
CA VAL A 269 7.25 -9.68 4.52
C VAL A 269 7.85 -10.04 3.08
C VAL A 269 7.85 -10.06 3.15
N ASP A 270 8.08 -11.35 2.91
CA ASP A 270 8.73 -11.81 1.68
C ASP A 270 7.83 -11.56 0.47
N ASP A 271 6.54 -11.86 0.62
CA ASP A 271 5.57 -11.70 -0.45
C ASP A 271 5.39 -10.21 -0.76
N PHE A 272 5.28 -9.37 0.27
CA PHE A 272 5.05 -7.94 0.00
C PHE A 272 6.26 -7.27 -0.64
N GLN A 273 7.46 -7.60 -0.16
CA GLN A 273 8.70 -7.09 -0.75
C GLN A 273 8.70 -7.32 -2.25
N PHE A 274 8.39 -8.56 -2.66
CA PHE A 274 8.35 -8.96 -4.05
C PHE A 274 7.32 -8.13 -4.82
N ILE A 275 6.10 -8.05 -4.28
CA ILE A 275 5.00 -7.52 -5.10
C ILE A 275 5.08 -5.99 -5.17
N PHE A 276 5.62 -5.37 -4.12
CA PHE A 276 5.78 -3.95 -4.17
C PHE A 276 6.81 -3.57 -5.24
N LEU A 277 7.97 -4.27 -5.25
CA LEU A 277 8.93 -4.04 -6.31
C LEU A 277 8.28 -4.22 -7.68
N ALA A 278 7.51 -5.30 -7.90
CA ALA A 278 6.87 -5.55 -9.15
C ALA A 278 5.96 -4.40 -9.58
N LEU A 279 5.20 -3.85 -8.64
CA LEU A 279 4.33 -2.72 -8.94
C LEU A 279 5.15 -1.55 -9.47
N THR A 280 6.27 -1.25 -8.79
CA THR A 280 7.12 -0.07 -9.13
C THR A 280 7.85 -0.24 -10.48
N GLN A 281 7.85 -1.44 -11.03
CA GLN A 281 8.53 -1.68 -12.30
C GLN A 281 7.51 -1.84 -13.44
N LEU A 282 6.21 -1.67 -13.17
CA LEU A 282 5.22 -1.72 -14.27
C LEU A 282 5.52 -0.64 -15.32
N GLY A 283 5.47 -1.06 -16.58
CA GLY A 283 5.71 -0.21 -17.73
C GLY A 283 7.19 -0.02 -18.02
N GLN A 284 8.06 -0.70 -17.25
CA GLN A 284 9.52 -0.55 -17.39
C GLN A 284 10.17 -1.89 -17.75
N ASP A 285 11.39 -1.79 -18.22
CA ASP A 285 12.20 -3.02 -18.44
C ASP A 285 13.09 -3.18 -17.22
N PRO A 286 12.86 -4.18 -16.34
CA PRO A 286 13.67 -4.30 -15.13
C PRO A 286 15.17 -4.39 -15.39
N ASN A 287 15.57 -5.01 -16.50
CA ASN A 287 16.98 -5.13 -16.86
C ASN A 287 17.62 -3.78 -17.14
N ALA A 288 16.82 -2.76 -17.49
CA ALA A 288 17.29 -1.45 -17.86
C ALA A 288 17.38 -0.54 -16.63
N MET A 289 16.80 -0.96 -15.50
CA MET A 289 16.75 -0.07 -14.33
C MET A 289 17.99 -0.23 -13.44
N THR A 290 18.27 0.80 -12.63
CA THR A 290 19.41 0.74 -11.73
C THR A 290 18.94 0.43 -10.31
N ASP A 291 19.60 -0.52 -9.66
CA ASP A 291 19.32 -0.86 -8.25
C ASP A 291 19.93 0.17 -7.29
N CYS A 292 19.08 0.97 -6.59
CA CYS A 292 19.48 1.95 -5.57
C CYS A 292 18.90 1.54 -4.19
N SER A 293 18.73 0.26 -3.98
CA SER A 293 18.06 -0.28 -2.76
C SER A 293 18.90 0.01 -1.51
N ASP A 294 20.19 0.29 -1.69
CA ASP A 294 21.06 0.54 -0.53
C ASP A 294 20.90 1.98 -0.02
N VAL A 295 20.02 2.82 -0.61
CA VAL A 295 19.71 4.14 -0.06
C VAL A 295 18.56 4.05 0.94
N ILE A 296 17.75 3.00 0.83
CA ILE A 296 16.55 2.90 1.64
C ILE A 296 16.96 2.53 3.06
N PRO A 297 16.45 3.22 4.08
CA PRO A 297 16.73 2.84 5.47
C PRO A 297 16.41 1.38 5.82
N GLN A 298 17.19 0.82 6.75
CA GLN A 298 16.91 -0.47 7.31
C GLN A 298 15.56 -0.44 8.05
N SER A 299 14.71 -1.41 7.73
CA SER A 299 13.44 -1.54 8.37
C SER A 299 13.67 -1.92 9.85
N LYS A 300 12.70 -1.55 10.66
CA LYS A 300 12.74 -1.74 12.12
C LYS A 300 11.86 -2.91 12.48
N PRO A 301 12.23 -3.72 13.49
CA PRO A 301 11.36 -4.78 13.96
C PRO A 301 10.16 -4.16 14.70
N ILE A 302 9.10 -4.98 14.81
CA ILE A 302 7.92 -4.61 15.63
C ILE A 302 8.36 -4.66 17.09
N PRO A 303 8.21 -3.56 17.83
CA PRO A 303 8.63 -3.51 19.22
C PRO A 303 7.70 -4.32 20.13
N GLY A 304 8.18 -4.51 21.34
CA GLY A 304 7.33 -4.97 22.43
C GLY A 304 7.26 -6.46 22.51
N ASN A 305 6.18 -6.97 23.11
CA ASN A 305 6.23 -8.34 23.55
C ASN A 305 4.96 -9.08 23.17
N LEU A 306 4.33 -8.70 22.06
CA LEU A 306 3.16 -9.46 21.61
C LEU A 306 3.56 -10.60 20.68
N PRO A 307 2.67 -11.60 20.54
CA PRO A 307 2.77 -12.56 19.43
C PRO A 307 2.55 -11.71 18.17
N PHE A 308 3.04 -12.24 17.06
CA PHE A 308 2.95 -11.50 15.79
C PHE A 308 1.50 -11.15 15.41
N SER A 309 0.57 -12.11 15.54
CA SER A 309 -0.83 -11.91 15.31
C SER A 309 -1.63 -12.23 16.56
N PHE A 310 -2.72 -11.50 16.72
CA PHE A 310 -3.56 -11.64 17.91
C PHE A 310 -4.96 -11.21 17.52
N PHE A 311 -5.95 -11.64 18.30
CA PHE A 311 -7.21 -11.02 18.20
C PHE A 311 -7.18 -9.71 18.94
N PRO A 312 -7.89 -8.69 18.44
CA PRO A 312 -8.03 -7.45 19.18
C PRO A 312 -8.83 -7.73 20.47
N ALA A 313 -8.67 -6.84 21.44
CA ALA A 313 -9.44 -7.03 22.73
C ALA A 313 -10.94 -7.10 22.40
N GLY A 314 -11.63 -8.02 23.11
CA GLY A 314 -13.05 -8.28 23.00
C GLY A 314 -13.40 -9.21 21.86
N LYS A 315 -12.43 -9.86 21.21
CA LYS A 315 -12.64 -10.78 20.13
C LYS A 315 -11.95 -12.12 20.40
N THR A 316 -12.63 -13.19 19.96
CA THR A 316 -12.11 -14.56 20.03
C THR A 316 -12.39 -15.32 18.73
N ILE A 317 -11.98 -16.59 18.69
CA ILE A 317 -12.22 -17.46 17.54
C ILE A 317 -13.71 -17.47 17.18
N LYS A 318 -14.62 -17.26 18.16
CA LYS A 318 -16.07 -17.31 17.90
C LYS A 318 -16.53 -16.19 16.95
N ASP A 319 -15.74 -15.13 16.84
CA ASP A 319 -16.09 -13.95 16.02
C ASP A 319 -15.52 -14.06 14.60
N VAL A 320 -14.81 -15.14 14.29
CA VAL A 320 -14.18 -15.30 12.96
C VAL A 320 -15.18 -16.00 12.00
N GLU A 321 -15.34 -15.40 10.81
CA GLU A 321 -16.05 -16.02 9.69
C GLU A 321 -15.03 -16.82 8.89
N GLN A 322 -14.91 -18.09 9.24
CA GLN A 322 -13.89 -18.94 8.64
C GLN A 322 -14.24 -19.21 7.18
N ALA A 323 -13.27 -19.03 6.29
CA ALA A 323 -13.55 -19.14 4.88
C ALA A 323 -12.57 -20.06 4.15
N CYS A 324 -11.45 -20.44 4.77
CA CYS A 324 -10.47 -21.31 4.13
C CYS A 324 -10.87 -22.75 4.45
N ALA A 325 -11.23 -23.53 3.42
CA ALA A 325 -11.69 -24.89 3.61
C ALA A 325 -10.50 -25.82 3.94
N GLU A 326 -9.29 -25.46 3.50
CA GLU A 326 -8.11 -26.33 3.63
C GLU A 326 -7.58 -26.41 5.08
N THR A 327 -7.75 -25.34 5.88
CA THR A 327 -7.04 -25.11 7.15
C THR A 327 -7.92 -24.28 8.06
N PRO A 328 -8.24 -24.72 9.29
CA PRO A 328 -9.00 -23.86 10.19
C PRO A 328 -8.20 -22.59 10.55
N PHE A 329 -8.94 -21.51 10.80
CA PHE A 329 -8.32 -20.26 11.28
C PHE A 329 -7.52 -20.55 12.55
N PRO A 330 -6.29 -20.04 12.70
CA PRO A 330 -5.54 -20.24 13.96
C PRO A 330 -6.20 -19.67 15.24
N THR A 331 -6.09 -20.40 16.34
CA THR A 331 -6.64 -19.93 17.56
C THR A 331 -5.59 -18.99 18.21
N LEU A 332 -5.77 -17.70 17.98
CA LEU A 332 -4.88 -16.71 18.44
C LEU A 332 -5.13 -16.40 19.92
N THR A 333 -4.16 -15.76 20.57
CA THR A 333 -4.43 -15.09 21.85
C THR A 333 -5.24 -13.83 21.57
N THR A 334 -5.99 -13.41 22.58
CA THR A 334 -6.80 -12.20 22.58
C THR A 334 -6.11 -11.18 23.49
N LEU A 335 -5.92 -9.95 23.00
CA LEU A 335 -5.36 -8.85 23.84
C LEU A 335 -6.27 -8.61 25.03
N PRO A 336 -5.69 -8.35 26.21
CA PRO A 336 -6.51 -8.12 27.39
C PRO A 336 -7.20 -6.74 27.34
N GLY A 337 -8.30 -6.63 28.10
CA GLY A 337 -8.97 -5.38 28.28
C GLY A 337 -10.26 -5.23 27.49
N PRO A 338 -10.91 -4.05 27.59
CA PRO A 338 -12.14 -3.78 26.91
C PRO A 338 -11.83 -3.61 25.41
N GLU A 339 -12.83 -3.90 24.60
CA GLU A 339 -12.76 -3.60 23.16
C GLU A 339 -12.35 -2.13 23.03
N THR A 340 -11.27 -1.83 22.31
CA THR A 340 -10.94 -0.41 22.24
C THR A 340 -11.27 0.12 20.86
N SER A 341 -11.52 1.42 20.83
CA SER A 341 -11.78 2.15 19.66
C SER A 341 -10.46 2.42 18.94
N VAL A 342 -10.42 2.14 17.62
CA VAL A 342 -9.24 2.44 16.82
C VAL A 342 -9.19 3.94 16.58
N GLN A 343 -8.05 4.52 16.95
CA GLN A 343 -7.87 5.96 16.82
C GLN A 343 -7.67 6.35 15.35
N ARG A 344 -8.30 7.45 14.93
CA ARG A 344 -8.20 7.95 13.59
C ARG A 344 -6.82 8.56 13.37
N ILE A 345 -6.37 8.52 12.11
CA ILE A 345 -5.13 9.10 11.64
C ILE A 345 -5.50 10.36 10.88
N PRO A 346 -5.41 11.58 11.48
CA PRO A 346 -5.89 12.76 10.78
C PRO A 346 -5.06 13.03 9.55
N PRO A 347 -5.66 13.34 8.38
CA PRO A 347 -4.88 13.65 7.19
C PRO A 347 -4.15 14.97 7.36
N PRO A 348 -3.17 15.29 6.48
CA PRO A 348 -2.35 16.49 6.65
C PRO A 348 -3.22 17.75 6.66
N PRO A 349 -2.89 18.74 7.53
CA PRO A 349 -3.69 19.96 7.60
C PRO A 349 -3.55 20.64 6.22
N GLY A 350 -4.54 21.45 5.85
CA GLY A 350 -4.61 22.11 4.57
C GLY A 350 -5.50 21.33 3.64
#